data_8D1Q
#
_entry.id   8D1Q
#
_cell.length_a   85.108
_cell.length_b   85.108
_cell.length_c   292.069
_cell.angle_alpha   90.00
_cell.angle_beta   90.00
_cell.angle_gamma   120.00
#
_symmetry.space_group_name_H-M   'P 65 2 2'
#
loop_
_entity.id
_entity.type
_entity.pdbx_description
1 polymer 'Chaperone DnaK'
2 non-polymer (2R,3R,4S,5R)-2-(6,8-diaminopurin-9-yl)-5-(hydroxymethyl)oxolane-3,4-diol
3 non-polymer 'SULFATE ION'
4 water water
#
_entity_poly.entity_id   1
_entity_poly.type   'polypeptide(L)'
_entity_poly.pdbx_seq_one_letter_code
;MHHHHHHSSGRENLYFQGIEGPVIGIDLGTTYSCVGVFKNGRVEILNNELGNRITPSYVSFVDGERKVGEAAKLEATLHP
TQTVFDVKRLIGRKFDDQEVVKDRSLLPYEIVNNQGKPNIKVQIKDKDTTFAPEQISAMVLEKMKEIAQSFLGKPVKNAV
VTVPAYFNDAQRQATKDAGTIAGLNIVRIINEPTAAALAYGLDKKEETSILVYDLGGGTFDVSILVIDNGVFEVYATAGN
THLGGEDFDQRVMDYFIKMFKKKNNIDLRTDKRAIQKLRKEVEIAKRNLSVVHSTQIEIEDIVEGHNFSETLTRAKFEEL
NDDLFRETLEPVKKVLDDAKYEKSKIDEIVLVGGSTRIPKIQQIIKEFFNGKEPNRGINPDEAVAYGAAIQAGIILG
;
_entity_poly.pdbx_strand_id   A
#
# COMPACT_ATOMS: atom_id res chain seq x y z
N GLY A 21 -3.20 -29.51 1.96
CA GLY A 21 -2.11 -28.64 2.47
C GLY A 21 -2.71 -27.38 3.07
N PRO A 22 -1.86 -26.49 3.63
CA PRO A 22 -2.30 -25.19 4.09
C PRO A 22 -2.60 -24.19 2.95
N VAL A 23 -3.48 -23.25 3.24
CA VAL A 23 -3.80 -22.08 2.39
C VAL A 23 -3.48 -20.85 3.23
N ILE A 24 -2.59 -20.00 2.73
CA ILE A 24 -2.18 -18.75 3.41
C ILE A 24 -2.91 -17.61 2.73
N GLY A 25 -2.93 -16.47 3.40
CA GLY A 25 -3.55 -15.25 2.87
C GLY A 25 -2.49 -14.20 2.66
N ILE A 26 -2.49 -13.57 1.48
CA ILE A 26 -1.50 -12.51 1.12
C ILE A 26 -2.25 -11.30 0.58
N ASP A 27 -1.96 -10.15 1.20
CA ASP A 27 -2.26 -8.80 0.70
C ASP A 27 -1.03 -8.41 -0.10
N LEU A 28 -1.18 -8.40 -1.43
CA LEU A 28 -0.18 -7.92 -2.42
C LEU A 28 -0.52 -6.45 -2.70
N GLY A 29 0.06 -5.55 -1.93
CA GLY A 29 -0.30 -4.12 -1.94
C GLY A 29 0.59 -3.42 -2.95
N THR A 30 0.29 -2.18 -3.28
CA THR A 30 1.15 -1.35 -4.14
C THR A 30 2.53 -1.19 -3.48
N THR A 31 2.59 -0.68 -2.24
CA THR A 31 3.88 -0.30 -1.59
C THR A 31 4.40 -1.43 -0.69
N TYR A 32 3.53 -2.35 -0.26
CA TYR A 32 3.86 -3.41 0.70
C TYR A 32 3.03 -4.66 0.47
N SER A 33 3.50 -5.75 1.03
CA SER A 33 2.73 -7.00 1.10
C SER A 33 2.77 -7.48 2.56
N CYS A 34 1.76 -8.29 2.91
CA CYS A 34 1.50 -8.77 4.29
C CYS A 34 0.99 -10.20 4.16
N VAL A 35 1.51 -11.14 4.94
CA VAL A 35 1.06 -12.54 4.86
C VAL A 35 0.44 -12.95 6.20
N GLY A 36 -0.68 -13.65 6.13
CA GLY A 36 -1.35 -14.25 7.30
C GLY A 36 -1.56 -15.75 7.10
N VAL A 37 -1.61 -16.49 8.20
CA VAL A 37 -2.02 -17.91 8.27
C VAL A 37 -3.21 -18.05 9.21
N PHE A 38 -4.01 -19.07 8.98
CA PHE A 38 -5.13 -19.47 9.86
C PHE A 38 -4.77 -20.84 10.43
N LYS A 39 -4.54 -20.91 11.73
CA LYS A 39 -4.02 -22.11 12.42
C LYS A 39 -4.58 -22.12 13.83
N ASN A 40 -5.10 -23.27 14.28
CA ASN A 40 -5.67 -23.48 15.65
C ASN A 40 -6.73 -22.42 15.92
N GLY A 41 -7.54 -22.11 14.90
CA GLY A 41 -8.71 -21.23 14.98
C GLY A 41 -8.34 -19.77 15.13
N ARG A 42 -7.06 -19.39 14.92
CA ARG A 42 -6.70 -17.95 14.88
C ARG A 42 -5.88 -17.57 13.64
N VAL A 43 -6.03 -16.32 13.27
CA VAL A 43 -5.18 -15.71 12.21
C VAL A 43 -3.92 -15.20 12.86
N GLU A 44 -2.78 -15.55 12.31
CA GLU A 44 -1.46 -15.00 12.74
C GLU A 44 -0.92 -14.20 11.55
N ILE A 45 -0.73 -12.89 11.70
CA ILE A 45 0.02 -12.07 10.73
C ILE A 45 1.52 -12.26 10.99
N LEU A 46 2.29 -12.76 10.02
CA LEU A 46 3.68 -13.20 10.26
C LEU A 46 4.68 -12.05 10.07
N ASN A 47 5.70 -12.05 10.90
CA ASN A 47 6.86 -11.12 10.81
C ASN A 47 7.77 -11.60 9.70
N ASN A 48 8.42 -10.67 9.02
CA ASN A 48 9.48 -11.03 8.06
C ASN A 48 10.76 -11.25 8.87
N GLU A 49 11.86 -11.57 8.20
CA GLU A 49 13.16 -11.89 8.83
C GLU A 49 13.62 -10.66 9.63
N LEU A 50 13.24 -9.42 9.27
CA LEU A 50 13.60 -8.21 10.05
C LEU A 50 12.57 -7.90 11.15
N GLY A 51 11.63 -8.80 11.44
CA GLY A 51 10.68 -8.61 12.57
C GLY A 51 9.52 -7.68 12.25
N ASN A 52 9.19 -7.43 10.97
CA ASN A 52 8.04 -6.54 10.61
C ASN A 52 6.91 -7.37 9.95
N ARG A 53 5.68 -6.92 10.16
CA ARG A 53 4.42 -7.58 9.71
C ARG A 53 4.05 -7.09 8.30
N ILE A 54 4.73 -6.03 7.84
CA ILE A 54 4.64 -5.37 6.51
C ILE A 54 6.03 -5.45 5.84
N THR A 55 6.11 -5.95 4.60
CA THR A 55 7.31 -6.04 3.73
C THR A 55 7.20 -5.09 2.54
N PRO A 56 8.09 -4.08 2.39
CA PRO A 56 8.04 -3.21 1.22
C PRO A 56 8.08 -4.03 -0.08
N SER A 57 7.18 -3.76 -1.00
CA SER A 57 7.10 -4.48 -2.31
C SER A 57 8.15 -3.93 -3.28
N TYR A 58 9.42 -4.21 -2.97
CA TYR A 58 10.61 -3.69 -3.67
C TYR A 58 11.49 -4.86 -4.04
N VAL A 59 12.06 -4.81 -5.25
CA VAL A 59 13.08 -5.81 -5.70
C VAL A 59 14.21 -5.03 -6.38
N SER A 60 15.44 -5.31 -5.97
CA SER A 60 16.65 -4.57 -6.41
C SER A 60 17.57 -5.57 -7.13
N PHE A 61 18.21 -5.07 -8.20
CA PHE A 61 19.14 -5.83 -9.07
C PHE A 61 20.46 -5.08 -9.22
N VAL A 62 21.31 -5.19 -8.20
CA VAL A 62 22.56 -4.40 -8.04
C VAL A 62 23.70 -5.38 -7.80
N ASP A 63 24.85 -5.17 -8.43
CA ASP A 63 26.13 -5.89 -8.14
C ASP A 63 25.93 -7.40 -8.24
N GLY A 64 25.14 -7.91 -9.18
CA GLY A 64 24.85 -9.35 -9.28
C GLY A 64 24.14 -9.96 -8.07
N GLU A 65 23.45 -9.18 -7.22
CA GLU A 65 22.55 -9.72 -6.16
C GLU A 65 21.12 -9.30 -6.47
N ARG A 66 20.17 -10.18 -6.20
CA ARG A 66 18.73 -9.83 -6.12
C ARG A 66 18.36 -9.65 -4.64
N LYS A 67 17.72 -8.54 -4.27
CA LYS A 67 17.14 -8.41 -2.91
C LYS A 67 15.64 -8.13 -3.02
N VAL A 68 14.90 -8.52 -1.98
CA VAL A 68 13.42 -8.34 -1.90
C VAL A 68 13.11 -7.76 -0.52
N GLY A 69 12.30 -6.72 -0.47
CA GLY A 69 11.80 -6.16 0.80
C GLY A 69 12.55 -4.92 1.21
N GLU A 70 12.85 -4.76 2.49
CA GLU A 70 13.46 -3.50 2.98
C GLU A 70 14.89 -3.38 2.43
N ALA A 71 15.60 -4.50 2.33
CA ALA A 71 17.00 -4.51 1.85
C ALA A 71 17.04 -3.95 0.41
N ALA A 72 16.04 -4.28 -0.41
CA ALA A 72 15.90 -3.73 -1.78
C ALA A 72 15.53 -2.25 -1.67
N LYS A 73 14.55 -1.92 -0.82
CA LYS A 73 14.09 -0.52 -0.72
C LYS A 73 15.28 0.41 -0.45
N LEU A 74 16.21 -0.05 0.34
CA LEU A 74 17.36 0.76 0.80
C LEU A 74 18.29 1.02 -0.41
N GLU A 75 18.31 0.17 -1.42
CA GLU A 75 19.15 0.37 -2.63
C GLU A 75 18.57 1.48 -3.50
N ALA A 76 17.30 1.87 -3.33
CA ALA A 76 16.62 2.85 -4.19
C ALA A 76 17.41 4.18 -4.26
N THR A 77 18.06 4.58 -3.16
CA THR A 77 18.65 5.92 -3.00
C THR A 77 19.85 6.01 -3.97
N LEU A 78 20.76 5.04 -3.92
CA LEU A 78 22.01 5.07 -4.72
C LEU A 78 21.85 4.33 -6.05
N HIS A 79 20.80 3.53 -6.26
CA HIS A 79 20.60 2.67 -7.44
C HIS A 79 19.17 2.75 -7.94
N PRO A 80 18.67 3.98 -8.20
CA PRO A 80 17.27 4.18 -8.51
C PRO A 80 16.82 3.41 -9.77
N THR A 81 17.72 3.13 -10.75
CA THR A 81 17.31 2.48 -12.02
C THR A 81 17.26 0.96 -11.87
N GLN A 82 17.98 0.41 -10.89
CA GLN A 82 18.04 -1.04 -10.62
C GLN A 82 17.00 -1.44 -9.54
N THR A 83 16.22 -0.49 -8.99
CA THR A 83 15.36 -0.79 -7.81
C THR A 83 13.91 -0.67 -8.23
N VAL A 84 13.24 -1.81 -8.28
CA VAL A 84 11.89 -1.95 -8.88
C VAL A 84 10.85 -1.96 -7.75
N PHE A 85 9.73 -1.30 -7.98
CA PHE A 85 8.67 -1.11 -6.95
C PHE A 85 7.42 -0.67 -7.71
N ASP A 86 6.27 -0.67 -7.03
CA ASP A 86 5.02 -0.11 -7.57
C ASP A 86 4.60 -0.92 -8.80
N VAL A 87 5.05 -2.16 -8.89
CA VAL A 87 4.79 -3.03 -10.08
C VAL A 87 3.31 -3.30 -10.17
N LYS A 88 2.61 -3.31 -9.03
CA LYS A 88 1.16 -3.52 -9.02
C LYS A 88 0.50 -2.50 -9.93
N ARG A 89 1.09 -1.32 -10.09
CA ARG A 89 0.57 -0.27 -10.99
C ARG A 89 0.64 -0.74 -12.45
N LEU A 90 1.46 -1.72 -12.78
CA LEU A 90 1.73 -2.10 -14.19
C LEU A 90 1.01 -3.41 -14.53
N ILE A 91 0.84 -4.29 -13.55
CA ILE A 91 0.43 -5.71 -13.77
C ILE A 91 -0.91 -5.75 -14.52
N GLY A 92 -0.97 -6.55 -15.61
CA GLY A 92 -2.14 -6.83 -16.47
C GLY A 92 -2.56 -5.65 -17.33
N ARG A 93 -1.75 -4.59 -17.42
CA ARG A 93 -2.13 -3.40 -18.19
C ARG A 93 -1.35 -3.39 -19.52
N LYS A 94 -1.70 -2.46 -20.40
CA LYS A 94 -1.04 -2.24 -21.72
C LYS A 94 -0.07 -1.05 -21.60
N PHE A 95 1.03 -1.09 -22.35
CA PHE A 95 2.07 -0.02 -22.39
C PHE A 95 1.43 1.34 -22.67
N ASP A 96 0.38 1.44 -23.51
CA ASP A 96 -0.20 2.73 -23.98
C ASP A 96 -1.39 3.17 -23.11
N ASP A 97 -1.80 2.41 -22.10
CA ASP A 97 -2.84 2.94 -21.16
C ASP A 97 -2.33 4.24 -20.55
N GLN A 98 -3.19 5.25 -20.52
CA GLN A 98 -2.95 6.57 -19.92
C GLN A 98 -2.25 6.38 -18.56
N GLU A 99 -2.74 5.47 -17.71
CA GLU A 99 -2.17 5.26 -16.35
C GLU A 99 -0.70 4.77 -16.45
N VAL A 100 -0.38 3.90 -17.39
CA VAL A 100 0.99 3.36 -17.52
C VAL A 100 1.91 4.47 -18.07
N VAL A 101 1.39 5.29 -18.99
CA VAL A 101 2.15 6.43 -19.56
C VAL A 101 2.57 7.33 -18.39
N LYS A 102 1.62 7.72 -17.55
CA LYS A 102 1.87 8.54 -16.34
C LYS A 102 2.89 7.84 -15.43
N ASP A 103 2.77 6.53 -15.20
CA ASP A 103 3.72 5.79 -14.32
C ASP A 103 5.12 5.72 -14.92
N ARG A 104 5.26 5.46 -16.24
CA ARG A 104 6.61 5.48 -16.88
C ARG A 104 7.28 6.83 -16.58
N SER A 105 6.56 7.95 -16.67
CA SER A 105 7.14 9.29 -16.36
C SER A 105 7.43 9.46 -14.85
N LEU A 106 6.72 8.79 -13.94
CA LEU A 106 7.04 8.90 -12.48
C LEU A 106 8.13 7.92 -12.06
N LEU A 107 8.21 6.73 -12.66
CA LEU A 107 9.04 5.65 -12.10
C LEU A 107 10.43 5.76 -12.71
N PRO A 108 11.48 5.58 -11.90
CA PRO A 108 12.86 5.78 -12.36
C PRO A 108 13.52 4.57 -13.04
N TYR A 109 12.94 3.38 -12.95
CA TYR A 109 13.48 2.18 -13.61
C TYR A 109 12.88 2.15 -15.01
N GLU A 110 13.60 1.54 -15.95
CA GLU A 110 13.17 1.53 -17.37
C GLU A 110 11.99 0.57 -17.52
N ILE A 111 10.91 1.08 -18.11
CA ILE A 111 9.72 0.32 -18.56
C ILE A 111 9.71 0.31 -20.11
N VAL A 112 9.70 -0.88 -20.70
CA VAL A 112 9.78 -1.09 -22.17
C VAL A 112 8.51 -1.75 -22.63
N ASN A 113 8.24 -1.57 -23.93
CA ASN A 113 7.02 -2.05 -24.62
C ASN A 113 7.33 -3.44 -25.16
N ASN A 114 6.85 -4.50 -24.50
CA ASN A 114 6.95 -5.88 -24.99
C ASN A 114 5.60 -6.24 -25.61
N GLN A 115 5.49 -6.10 -26.93
CA GLN A 115 4.29 -6.50 -27.71
C GLN A 115 3.04 -5.90 -27.06
N GLY A 116 3.06 -4.63 -26.67
CA GLY A 116 1.87 -3.91 -26.19
C GLY A 116 1.78 -3.87 -24.66
N LYS A 117 2.65 -4.58 -23.94
CA LYS A 117 2.61 -4.77 -22.46
C LYS A 117 3.86 -4.19 -21.80
N PRO A 118 3.71 -3.53 -20.64
CA PRO A 118 4.85 -2.90 -19.98
C PRO A 118 5.71 -4.04 -19.46
N ASN A 119 7.01 -3.96 -19.66
CA ASN A 119 7.99 -4.86 -19.02
C ASN A 119 9.03 -3.97 -18.34
N ILE A 120 9.71 -4.54 -17.36
CA ILE A 120 10.70 -3.80 -16.55
C ILE A 120 12.04 -4.18 -17.14
N LYS A 121 12.93 -3.23 -17.35
CA LYS A 121 14.31 -3.53 -17.83
C LYS A 121 15.32 -3.01 -16.83
N VAL A 122 16.26 -3.87 -16.48
CA VAL A 122 17.37 -3.59 -15.55
C VAL A 122 18.58 -4.34 -16.07
N GLN A 123 19.66 -4.23 -15.35
CA GLN A 123 20.94 -4.91 -15.66
C GLN A 123 21.24 -5.81 -14.49
N ILE A 124 21.72 -7.00 -14.84
CA ILE A 124 22.26 -8.01 -13.91
C ILE A 124 23.63 -8.35 -14.47
N LYS A 125 24.69 -8.04 -13.72
CA LYS A 125 26.09 -8.22 -14.19
C LYS A 125 26.23 -7.55 -15.55
N ASP A 126 25.63 -6.37 -15.68
CA ASP A 126 25.79 -5.45 -16.83
C ASP A 126 24.90 -5.87 -17.98
N LYS A 127 24.25 -7.03 -17.86
CA LYS A 127 23.42 -7.59 -18.94
C LYS A 127 21.99 -7.04 -18.84
N ASP A 128 21.49 -6.57 -19.97
CA ASP A 128 20.11 -6.11 -20.12
C ASP A 128 19.20 -7.32 -19.87
N THR A 129 18.25 -7.19 -18.95
CA THR A 129 17.30 -8.25 -18.53
C THR A 129 15.93 -7.57 -18.40
N THR A 130 14.91 -8.15 -19.02
N THR A 130 14.93 -8.11 -19.07
CA THR A 130 13.53 -7.62 -19.05
CA THR A 130 13.54 -7.59 -18.98
C THR A 130 12.66 -8.60 -18.24
C THR A 130 12.74 -8.59 -18.15
N PHE A 131 11.79 -8.10 -17.36
CA PHE A 131 10.83 -8.90 -16.58
C PHE A 131 9.40 -8.42 -16.87
N ALA A 132 8.48 -9.38 -16.97
CA ALA A 132 7.04 -9.07 -16.85
C ALA A 132 6.79 -8.59 -15.41
N PRO A 133 5.82 -7.68 -15.20
CA PRO A 133 5.39 -7.31 -13.86
C PRO A 133 5.10 -8.52 -12.96
N GLU A 134 4.43 -9.53 -13.51
CA GLU A 134 4.04 -10.74 -12.75
C GLU A 134 5.28 -11.51 -12.32
N GLN A 135 6.41 -11.33 -13.00
CA GLN A 135 7.68 -11.98 -12.57
C GLN A 135 8.27 -11.25 -11.37
N ILE A 136 8.12 -9.93 -11.27
CA ILE A 136 8.61 -9.19 -10.07
C ILE A 136 7.62 -9.45 -8.91
N SER A 137 6.31 -9.36 -9.17
CA SER A 137 5.27 -9.68 -8.14
C SER A 137 5.48 -11.11 -7.63
N ALA A 138 5.93 -12.02 -8.50
CA ALA A 138 6.20 -13.42 -8.09
C ALA A 138 7.30 -13.44 -7.03
N MET A 139 8.26 -12.52 -7.11
CA MET A 139 9.41 -12.52 -6.19
C MET A 139 8.95 -12.08 -4.78
N VAL A 140 8.00 -11.16 -4.72
CA VAL A 140 7.35 -10.70 -3.46
C VAL A 140 6.53 -11.86 -2.91
N LEU A 141 5.75 -12.54 -3.75
CA LEU A 141 4.94 -13.70 -3.34
C LEU A 141 5.85 -14.81 -2.80
N GLU A 142 7.03 -15.02 -3.42
CA GLU A 142 7.99 -16.10 -3.05
C GLU A 142 8.37 -15.87 -1.58
N LYS A 143 8.72 -14.63 -1.24
CA LYS A 143 9.22 -14.23 0.08
C LYS A 143 8.09 -14.43 1.11
N MET A 144 6.87 -13.99 0.82
CA MET A 144 5.69 -14.18 1.70
C MET A 144 5.46 -15.69 1.91
N LYS A 145 5.64 -16.47 0.86
CA LYS A 145 5.48 -17.94 0.93
C LYS A 145 6.53 -18.50 1.86
N GLU A 146 7.77 -18.04 1.78
CA GLU A 146 8.89 -18.55 2.60
C GLU A 146 8.64 -18.18 4.06
N ILE A 147 8.11 -16.99 4.37
CA ILE A 147 7.76 -16.60 5.77
C ILE A 147 6.72 -17.62 6.29
N ALA A 148 5.71 -17.95 5.49
CA ALA A 148 4.64 -18.90 5.88
C ALA A 148 5.22 -20.31 6.09
N GLN A 149 6.12 -20.77 5.23
CA GLN A 149 6.65 -22.15 5.28
C GLN A 149 7.48 -22.34 6.54
N SER A 150 8.30 -21.36 6.87
CA SER A 150 9.23 -21.47 8.02
C SER A 150 8.39 -21.38 9.30
N PHE A 151 7.31 -20.58 9.32
CA PHE A 151 6.41 -20.47 10.50
C PHE A 151 5.63 -21.77 10.67
N LEU A 152 5.02 -22.30 9.61
CA LEU A 152 4.16 -23.51 9.71
C LEU A 152 5.03 -24.78 9.66
N GLY A 153 6.33 -24.66 9.39
CA GLY A 153 7.23 -25.81 9.20
C GLY A 153 6.68 -26.83 8.21
N LYS A 154 5.98 -26.39 7.16
CA LYS A 154 5.41 -27.23 6.07
C LYS A 154 5.59 -26.50 4.74
N PRO A 155 5.69 -27.22 3.59
CA PRO A 155 5.54 -26.56 2.29
C PRO A 155 4.15 -25.92 2.14
N VAL A 156 4.08 -24.78 1.44
CA VAL A 156 2.83 -24.02 1.14
C VAL A 156 2.73 -23.90 -0.37
N LYS A 157 1.60 -24.33 -0.93
CA LYS A 157 1.40 -24.44 -2.39
C LYS A 157 0.16 -23.67 -2.77
N ASN A 158 -0.63 -23.19 -1.80
CA ASN A 158 -1.95 -22.58 -2.08
C ASN A 158 -2.10 -21.27 -1.31
N ALA A 159 -2.86 -20.31 -1.84
CA ALA A 159 -3.03 -18.99 -1.21
C ALA A 159 -4.31 -18.34 -1.66
N VAL A 160 -4.85 -17.49 -0.79
CA VAL A 160 -5.82 -16.46 -1.14
C VAL A 160 -5.01 -15.19 -1.29
N VAL A 161 -5.15 -14.53 -2.43
CA VAL A 161 -4.45 -13.24 -2.70
C VAL A 161 -5.53 -12.23 -3.04
N THR A 162 -5.32 -11.01 -2.57
CA THR A 162 -6.25 -9.89 -2.70
C THR A 162 -5.86 -9.06 -3.92
N VAL A 163 -6.84 -8.39 -4.48
CA VAL A 163 -6.62 -7.36 -5.52
C VAL A 163 -7.56 -6.22 -5.24
N PRO A 164 -7.31 -5.04 -5.83
CA PRO A 164 -8.28 -3.96 -5.80
C PRO A 164 -9.58 -4.38 -6.50
N ALA A 165 -10.71 -3.85 -6.04
CA ALA A 165 -12.05 -4.16 -6.57
C ALA A 165 -12.14 -3.72 -8.05
N TYR A 166 -11.39 -2.68 -8.46
CA TYR A 166 -11.41 -2.16 -9.86
C TYR A 166 -10.56 -3.04 -10.78
N PHE A 167 -9.77 -4.00 -10.29
CA PHE A 167 -8.99 -4.90 -11.15
C PHE A 167 -9.91 -5.63 -12.14
N ASN A 168 -9.52 -5.64 -13.41
CA ASN A 168 -10.25 -6.32 -14.51
C ASN A 168 -9.74 -7.77 -14.64
N ASP A 169 -10.25 -8.51 -15.62
CA ASP A 169 -9.87 -9.93 -15.78
C ASP A 169 -8.36 -10.03 -16.04
N ALA A 170 -7.77 -9.16 -16.85
CA ALA A 170 -6.33 -9.35 -17.17
C ALA A 170 -5.48 -9.03 -15.92
N GLN A 171 -5.89 -8.05 -15.12
CA GLN A 171 -5.12 -7.70 -13.91
C GLN A 171 -5.24 -8.85 -12.89
N ARG A 172 -6.42 -9.46 -12.75
CA ARG A 172 -6.58 -10.65 -11.87
C ARG A 172 -5.79 -11.82 -12.44
N GLN A 173 -5.85 -12.04 -13.76
CA GLN A 173 -5.14 -13.23 -14.33
C GLN A 173 -3.63 -13.05 -14.14
N ALA A 174 -3.13 -11.82 -14.37
CA ALA A 174 -1.69 -11.51 -14.24
C ALA A 174 -1.26 -11.74 -12.78
N THR A 175 -2.14 -11.45 -11.81
CA THR A 175 -1.85 -11.72 -10.37
C THR A 175 -1.83 -13.26 -10.15
N LYS A 176 -2.79 -14.00 -10.71
CA LYS A 176 -2.75 -15.48 -10.62
C LYS A 176 -1.43 -16.00 -11.20
N ASP A 177 -1.00 -15.44 -12.33
CA ASP A 177 0.21 -15.91 -13.04
C ASP A 177 1.41 -15.65 -12.14
N ALA A 178 1.44 -14.49 -11.46
CA ALA A 178 2.47 -14.23 -10.43
C ALA A 178 2.52 -15.37 -9.41
N GLY A 179 1.35 -15.80 -8.95
CA GLY A 179 1.27 -16.92 -7.99
C GLY A 179 1.96 -18.15 -8.56
N THR A 180 1.56 -18.55 -9.78
CA THR A 180 2.08 -19.76 -10.45
C THR A 180 3.60 -19.72 -10.51
N ILE A 181 4.19 -18.57 -10.86
CA ILE A 181 5.66 -18.41 -11.00
C ILE A 181 6.27 -18.60 -9.61
N ALA A 182 5.60 -18.16 -8.54
CA ALA A 182 6.11 -18.29 -7.15
C ALA A 182 5.86 -19.70 -6.58
N GLY A 183 5.29 -20.61 -7.37
CA GLY A 183 4.88 -21.96 -6.92
C GLY A 183 3.67 -21.93 -5.99
N LEU A 184 2.78 -20.94 -6.16
CA LEU A 184 1.52 -20.80 -5.38
C LEU A 184 0.33 -20.95 -6.32
N ASN A 185 -0.49 -21.96 -6.10
CA ASN A 185 -1.86 -21.97 -6.66
C ASN A 185 -2.70 -20.91 -5.92
N ILE A 186 -3.14 -19.88 -6.63
CA ILE A 186 -4.09 -18.88 -6.06
C ILE A 186 -5.47 -19.50 -6.18
N VAL A 187 -5.96 -20.11 -5.10
CA VAL A 187 -7.26 -20.84 -5.08
C VAL A 187 -8.40 -19.80 -5.17
N ARG A 188 -8.19 -18.57 -4.75
CA ARG A 188 -9.25 -17.53 -4.82
C ARG A 188 -8.60 -16.17 -4.79
N ILE A 189 -9.05 -15.30 -5.69
CA ILE A 189 -8.70 -13.86 -5.70
C ILE A 189 -9.88 -13.20 -4.99
N ILE A 190 -9.66 -12.37 -3.98
CA ILE A 190 -10.82 -11.61 -3.42
C ILE A 190 -10.45 -10.15 -3.43
N ASN A 191 -11.44 -9.29 -3.56
CA ASN A 191 -11.14 -7.86 -3.58
C ASN A 191 -10.82 -7.42 -2.16
N GLU A 192 -10.06 -6.34 -2.06
CA GLU A 192 -9.52 -5.74 -0.82
C GLU A 192 -10.68 -5.31 0.07
N PRO A 193 -11.77 -4.72 -0.44
CA PRO A 193 -12.92 -4.40 0.40
C PRO A 193 -13.57 -5.60 1.12
N THR A 194 -13.72 -6.71 0.40
CA THR A 194 -14.27 -7.99 0.90
C THR A 194 -13.37 -8.53 2.01
N ALA A 195 -12.07 -8.53 1.76
CA ALA A 195 -11.05 -8.97 2.73
C ALA A 195 -11.20 -8.12 4.02
N ALA A 196 -11.35 -6.81 3.87
CA ALA A 196 -11.53 -5.91 5.03
C ALA A 196 -12.81 -6.30 5.78
N ALA A 197 -13.93 -6.48 5.08
CA ALA A 197 -15.24 -6.89 5.66
C ALA A 197 -15.05 -8.22 6.42
N LEU A 198 -14.32 -9.18 5.86
CA LEU A 198 -14.05 -10.46 6.56
C LEU A 198 -13.23 -10.17 7.83
N ALA A 199 -12.22 -9.28 7.79
CA ALA A 199 -11.33 -9.06 8.95
C ALA A 199 -12.12 -8.46 10.13
N TYR A 200 -13.00 -7.50 9.84
CA TYR A 200 -13.79 -6.71 10.81
C TYR A 200 -15.03 -7.51 11.17
N GLY A 201 -15.14 -8.66 10.52
CA GLY A 201 -16.16 -9.66 10.80
C GLY A 201 -17.52 -9.07 10.65
N LEU A 202 -17.75 -8.19 9.69
CA LEU A 202 -19.08 -7.57 9.47
C LEU A 202 -20.10 -8.68 9.30
N ASP A 203 -21.18 -8.64 10.11
CA ASP A 203 -22.34 -9.58 10.04
C ASP A 203 -22.74 -9.81 8.56
N LYS A 204 -22.81 -11.07 8.17
CA LYS A 204 -23.09 -11.53 6.78
C LYS A 204 -24.59 -11.67 6.60
N LYS A 205 -25.35 -11.69 7.71
CA LYS A 205 -26.82 -11.89 7.69
C LYS A 205 -27.50 -10.60 7.24
N GLU A 206 -28.65 -10.76 6.58
CA GLU A 206 -29.49 -9.67 6.01
C GLU A 206 -28.57 -8.79 5.19
N GLU A 207 -28.92 -7.52 4.98
CA GLU A 207 -28.28 -6.66 3.98
C GLU A 207 -27.58 -5.48 4.69
N THR A 208 -26.31 -5.22 4.37
CA THR A 208 -25.50 -4.10 4.93
C THR A 208 -24.76 -3.41 3.77
N SER A 209 -24.82 -2.08 3.70
CA SER A 209 -24.02 -1.23 2.79
C SER A 209 -22.84 -0.60 3.55
N ILE A 210 -21.64 -0.89 3.11
CA ILE A 210 -20.39 -0.48 3.80
C ILE A 210 -19.56 0.40 2.87
N LEU A 211 -19.11 1.56 3.36
CA LEU A 211 -18.08 2.38 2.68
C LEU A 211 -16.71 1.94 3.18
N VAL A 212 -15.91 1.34 2.29
CA VAL A 212 -14.53 0.94 2.64
C VAL A 212 -13.60 2.05 2.13
N TYR A 213 -13.00 2.82 3.05
CA TYR A 213 -12.06 3.95 2.77
C TYR A 213 -10.66 3.40 3.04
N ASP A 214 -9.84 3.26 2.00
CA ASP A 214 -8.55 2.54 2.11
C ASP A 214 -7.45 3.51 1.71
N LEU A 215 -6.84 4.14 2.70
CA LEU A 215 -5.76 5.11 2.44
C LEU A 215 -4.44 4.47 2.83
N GLY A 216 -3.64 4.14 1.82
CA GLY A 216 -2.37 3.42 1.98
C GLY A 216 -1.16 4.34 1.94
N GLY A 217 0.01 3.77 1.77
CA GLY A 217 1.26 4.53 1.54
C GLY A 217 1.24 5.26 0.20
N GLY A 218 0.69 4.68 -0.86
CA GLY A 218 0.84 5.22 -2.23
C GLY A 218 -0.47 5.54 -2.91
N THR A 219 -1.57 4.89 -2.50
CA THR A 219 -2.87 4.90 -3.20
C THR A 219 -4.01 5.08 -2.22
N PHE A 220 -5.08 5.66 -2.73
CA PHE A 220 -6.38 5.87 -2.08
C PHE A 220 -7.43 5.15 -2.93
N ASP A 221 -8.23 4.32 -2.28
CA ASP A 221 -9.37 3.57 -2.88
C ASP A 221 -10.56 3.68 -1.94
N VAL A 222 -11.73 3.94 -2.50
N VAL A 222 -11.72 3.93 -2.53
CA VAL A 222 -13.01 3.87 -1.73
CA VAL A 222 -13.04 3.90 -1.83
C VAL A 222 -13.98 3.01 -2.55
C VAL A 222 -13.93 2.94 -2.59
N SER A 223 -14.69 2.11 -1.87
CA SER A 223 -15.66 1.17 -2.47
C SER A 223 -16.95 1.21 -1.65
N ILE A 224 -18.07 1.05 -2.33
CA ILE A 224 -19.34 0.70 -1.64
C ILE A 224 -19.46 -0.81 -1.77
N LEU A 225 -19.33 -1.49 -0.64
CA LEU A 225 -19.43 -2.95 -0.56
C LEU A 225 -20.80 -3.26 -0.03
N VAL A 226 -21.59 -4.10 -0.72
CA VAL A 226 -22.87 -4.47 -0.08
C VAL A 226 -22.84 -5.95 0.21
N ILE A 227 -23.21 -6.24 1.46
CA ILE A 227 -23.22 -7.61 2.00
C ILE A 227 -24.68 -8.02 2.08
N ASP A 228 -25.01 -9.14 1.48
CA ASP A 228 -26.41 -9.59 1.43
C ASP A 228 -26.44 -11.10 1.66
N ASN A 229 -26.76 -11.52 2.88
CA ASN A 229 -26.99 -12.96 3.20
C ASN A 229 -25.74 -13.72 2.81
N GLY A 230 -24.59 -13.15 3.14
CA GLY A 230 -23.27 -13.79 3.01
C GLY A 230 -22.69 -13.60 1.61
N VAL A 231 -23.41 -12.92 0.71
CA VAL A 231 -22.90 -12.59 -0.67
C VAL A 231 -22.36 -11.17 -0.66
N PHE A 232 -21.09 -11.04 -1.01
CA PHE A 232 -20.38 -9.74 -1.06
C PHE A 232 -20.36 -9.22 -2.50
N GLU A 233 -20.77 -7.98 -2.70
CA GLU A 233 -20.75 -7.31 -4.03
C GLU A 233 -20.24 -5.89 -3.87
N VAL A 234 -19.21 -5.53 -4.61
CA VAL A 234 -18.78 -4.10 -4.74
C VAL A 234 -19.63 -3.36 -5.79
N TYR A 235 -20.48 -2.44 -5.37
CA TYR A 235 -21.44 -1.69 -6.24
C TYR A 235 -20.73 -0.54 -6.97
N ALA A 236 -19.63 -0.03 -6.43
CA ALA A 236 -18.95 1.16 -6.99
C ALA A 236 -17.61 1.34 -6.31
N THR A 237 -16.64 1.81 -7.09
N THR A 237 -16.67 1.85 -7.11
CA THR A 237 -15.26 2.08 -6.62
CA THR A 237 -15.27 2.08 -6.71
C THR A 237 -14.79 3.38 -7.28
C THR A 237 -14.84 3.44 -7.27
N ALA A 238 -13.93 4.11 -6.57
CA ALA A 238 -13.24 5.30 -7.09
C ALA A 238 -11.99 5.46 -6.23
N GLY A 239 -11.21 6.46 -6.52
CA GLY A 239 -9.91 6.56 -5.88
C GLY A 239 -9.07 7.61 -6.51
N ASN A 240 -7.86 7.64 -6.05
CA ASN A 240 -6.77 8.50 -6.49
C ASN A 240 -5.55 7.61 -6.40
N THR A 241 -4.96 7.31 -7.55
CA THR A 241 -3.89 6.32 -7.70
C THR A 241 -2.60 6.92 -7.17
N HIS A 242 -2.53 8.25 -7.01
CA HIS A 242 -1.29 8.94 -6.55
C HIS A 242 -1.56 9.79 -5.30
N LEU A 243 -2.21 9.22 -4.30
CA LEU A 243 -2.50 9.92 -3.02
C LEU A 243 -2.37 8.87 -1.90
N GLY A 244 -1.34 9.01 -1.05
CA GLY A 244 -1.25 8.26 0.20
C GLY A 244 -0.28 8.88 1.16
N GLY A 245 0.06 8.11 2.19
CA GLY A 245 0.96 8.54 3.27
C GLY A 245 2.23 9.14 2.74
N GLU A 246 2.82 8.58 1.67
N GLU A 246 2.80 8.58 1.65
CA GLU A 246 4.12 9.06 1.13
CA GLU A 246 4.10 9.01 1.06
C GLU A 246 3.97 10.49 0.60
C GLU A 246 3.97 10.47 0.57
N ASP A 247 2.77 10.90 0.16
CA ASP A 247 2.51 12.28 -0.29
C ASP A 247 2.53 13.21 0.94
N PHE A 248 2.01 12.76 2.09
CA PHE A 248 1.91 13.60 3.31
C PHE A 248 3.34 13.82 3.79
N ASP A 249 4.17 12.78 3.75
CA ASP A 249 5.59 12.92 4.12
C ASP A 249 6.30 13.89 3.15
N GLN A 250 6.04 13.83 1.85
CA GLN A 250 6.71 14.69 0.84
C GLN A 250 6.33 16.16 1.10
N ARG A 251 5.12 16.46 1.56
CA ARG A 251 4.67 17.83 1.86
C ARG A 251 5.48 18.38 3.04
N VAL A 252 5.75 17.51 4.00
CA VAL A 252 6.56 17.88 5.20
C VAL A 252 8.01 18.06 4.76
N MET A 253 8.53 17.15 3.96
CA MET A 253 9.94 17.28 3.47
C MET A 253 10.12 18.59 2.73
N ASP A 254 9.19 18.92 1.82
CA ASP A 254 9.25 20.15 1.01
C ASP A 254 9.36 21.33 1.98
N TYR A 255 8.52 21.35 3.01
CA TYR A 255 8.51 22.45 4.00
C TYR A 255 9.92 22.55 4.64
N PHE A 256 10.47 21.44 5.11
CA PHE A 256 11.71 21.55 5.90
C PHE A 256 12.92 21.76 4.99
N ILE A 257 12.84 21.31 3.74
CA ILE A 257 13.93 21.58 2.76
C ILE A 257 14.01 23.10 2.52
N LYS A 258 12.86 23.74 2.29
CA LYS A 258 12.75 25.21 2.17
C LYS A 258 13.38 25.85 3.41
N MET A 259 12.97 25.47 4.63
CA MET A 259 13.43 26.14 5.86
C MET A 259 14.97 25.96 5.99
N PHE A 260 15.50 24.77 5.75
CA PHE A 260 16.94 24.49 5.94
C PHE A 260 17.74 25.34 4.95
N LYS A 261 17.21 25.53 3.74
CA LYS A 261 17.85 26.38 2.70
C LYS A 261 17.86 27.83 3.22
N LYS A 262 16.73 28.30 3.72
CA LYS A 262 16.59 29.68 4.24
C LYS A 262 17.60 29.88 5.35
N LYS A 263 17.73 28.92 6.23
CA LYS A 263 18.53 29.09 7.47
C LYS A 263 20.01 28.82 7.21
N ASN A 264 20.38 27.89 6.34
CA ASN A 264 21.79 27.41 6.26
C ASN A 264 22.37 27.55 4.84
N ASN A 265 21.60 28.01 3.86
CA ASN A 265 22.09 28.09 2.46
C ASN A 265 22.59 26.70 2.02
N ILE A 266 21.94 25.64 2.53
CA ILE A 266 22.13 24.25 2.04
C ILE A 266 20.78 23.77 1.50
N ASP A 267 20.80 23.36 0.24
CA ASP A 267 19.66 22.70 -0.44
C ASP A 267 19.82 21.20 -0.27
N LEU A 268 19.03 20.58 0.62
CA LEU A 268 19.27 19.16 0.99
C LEU A 268 19.01 18.27 -0.23
N ARG A 269 18.23 18.69 -1.21
CA ARG A 269 17.97 17.89 -2.43
C ARG A 269 19.28 17.66 -3.22
N THR A 270 20.34 18.45 -2.98
CA THR A 270 21.66 18.27 -3.62
C THR A 270 22.35 17.03 -3.02
N ASP A 271 21.82 16.40 -1.97
CA ASP A 271 22.49 15.21 -1.39
C ASP A 271 21.45 14.11 -1.15
N LYS A 272 21.42 13.09 -2.02
CA LYS A 272 20.45 11.96 -2.01
C LYS A 272 20.40 11.31 -0.62
N ARG A 273 21.55 11.14 0.00
CA ARG A 273 21.70 10.48 1.32
C ARG A 273 21.01 11.34 2.39
N ALA A 274 21.13 12.66 2.32
CA ALA A 274 20.46 13.61 3.25
C ALA A 274 18.95 13.42 3.13
N ILE A 275 18.43 13.37 1.91
CA ILE A 275 16.96 13.26 1.64
C ILE A 275 16.46 11.93 2.21
N GLN A 276 17.19 10.81 2.00
CA GLN A 276 16.81 9.48 2.52
C GLN A 276 16.67 9.60 4.05
N LYS A 277 17.68 10.13 4.74
CA LYS A 277 17.70 10.23 6.22
C LYS A 277 16.52 11.09 6.71
N LEU A 278 16.26 12.21 6.04
CA LEU A 278 15.14 13.12 6.39
C LEU A 278 13.81 12.37 6.24
N ARG A 279 13.64 11.66 5.12
N ARG A 279 13.61 11.66 5.13
CA ARG A 279 12.35 10.98 4.78
CA ARG A 279 12.31 11.02 4.82
C ARG A 279 12.01 10.01 5.90
C ARG A 279 11.99 10.00 5.91
N LYS A 280 13.01 9.27 6.37
CA LYS A 280 12.86 8.29 7.46
C LYS A 280 12.39 9.00 8.72
N GLU A 281 13.02 10.12 9.09
CA GLU A 281 12.66 10.82 10.35
C GLU A 281 11.30 11.49 10.20
N VAL A 282 10.98 11.98 9.00
CA VAL A 282 9.68 12.65 8.74
C VAL A 282 8.53 11.63 8.86
N GLU A 283 8.70 10.41 8.34
CA GLU A 283 7.69 9.30 8.43
C GLU A 283 7.37 9.01 9.92
N ILE A 284 8.40 8.86 10.74
CA ILE A 284 8.26 8.63 12.21
C ILE A 284 7.57 9.84 12.85
N ALA A 285 7.94 11.07 12.47
CA ALA A 285 7.34 12.29 13.06
C ALA A 285 5.85 12.32 12.76
N LYS A 286 5.45 12.07 11.53
CA LYS A 286 4.03 11.95 11.15
C LYS A 286 3.30 10.93 12.04
N ARG A 287 3.89 9.75 12.22
CA ARG A 287 3.27 8.69 13.03
C ARG A 287 3.08 9.23 14.47
N ASN A 288 4.12 9.83 15.03
CA ASN A 288 4.06 10.47 16.38
C ASN A 288 2.88 11.43 16.45
N LEU A 289 2.64 12.21 15.40
CA LEU A 289 1.62 13.28 15.46
C LEU A 289 0.19 12.73 15.30
N SER A 290 0.05 11.42 15.10
CA SER A 290 -1.29 10.75 15.19
C SER A 290 -1.65 10.52 16.67
N VAL A 291 -0.69 10.64 17.59
CA VAL A 291 -0.89 10.42 19.06
C VAL A 291 -0.60 11.73 19.82
N VAL A 292 0.58 12.36 19.64
CA VAL A 292 0.98 13.64 20.32
C VAL A 292 0.74 14.83 19.41
N HIS A 293 0.95 16.03 19.95
CA HIS A 293 0.69 17.34 19.32
C HIS A 293 1.98 17.93 18.80
N SER A 294 3.13 17.50 19.28
CA SER A 294 4.42 18.14 18.95
C SER A 294 5.52 17.08 18.98
N THR A 295 6.42 17.09 18.00
CA THR A 295 7.52 16.11 17.93
C THR A 295 8.78 16.74 17.32
N GLN A 296 9.93 16.22 17.73
CA GLN A 296 11.29 16.64 17.29
C GLN A 296 11.73 15.76 16.13
N ILE A 297 12.18 16.38 15.04
CA ILE A 297 12.84 15.69 13.89
C ILE A 297 14.33 16.06 13.97
N GLU A 298 15.16 15.07 14.24
CA GLU A 298 16.60 15.27 14.54
C GLU A 298 17.43 14.30 13.70
N ILE A 299 18.43 14.82 12.98
CA ILE A 299 19.49 14.05 12.27
C ILE A 299 20.81 14.78 12.54
N GLU A 300 21.70 14.11 13.25
CA GLU A 300 23.08 14.59 13.47
C GLU A 300 23.76 14.56 12.10
N ASP A 301 24.45 15.63 11.73
CA ASP A 301 25.25 15.72 10.48
C ASP A 301 24.40 15.27 9.29
N ILE A 302 23.23 15.84 9.09
CA ILE A 302 22.42 15.47 7.91
C ILE A 302 23.28 15.65 6.65
N VAL A 303 24.12 16.68 6.63
CA VAL A 303 25.40 16.70 5.86
C VAL A 303 26.49 17.05 6.87
N GLU A 304 27.77 16.83 6.54
CA GLU A 304 28.90 17.02 7.48
C GLU A 304 28.89 18.47 8.01
N GLY A 305 28.90 18.62 9.34
CA GLY A 305 28.96 19.91 10.04
C GLY A 305 27.62 20.57 10.23
N HIS A 306 26.51 19.96 9.83
CA HIS A 306 25.17 20.59 9.89
C HIS A 306 24.15 19.57 10.41
N ASN A 307 23.70 19.80 11.65
CA ASN A 307 22.64 19.01 12.29
C ASN A 307 21.32 19.52 11.73
N PHE A 308 20.36 18.63 11.60
CA PHE A 308 18.95 18.99 11.36
C PHE A 308 18.26 18.81 12.70
N SER A 309 17.65 19.87 13.20
CA SER A 309 16.87 19.90 14.46
C SER A 309 15.65 20.78 14.28
N GLU A 310 14.49 20.18 14.18
CA GLU A 310 13.24 20.94 13.96
C GLU A 310 12.12 20.33 14.80
N THR A 311 11.12 21.15 15.10
CA THR A 311 9.85 20.74 15.73
C THR A 311 8.76 20.77 14.67
N LEU A 312 7.89 19.76 14.67
CA LEU A 312 6.65 19.74 13.86
C LEU A 312 5.49 19.54 14.81
N THR A 313 4.50 20.40 14.70
CA THR A 313 3.22 20.27 15.42
C THR A 313 2.20 19.53 14.54
N ARG A 314 1.18 18.98 15.19
CA ARG A 314 0.02 18.42 14.47
C ARG A 314 -0.61 19.51 13.61
N ALA A 315 -0.79 20.71 14.14
CA ALA A 315 -1.43 21.82 13.40
C ALA A 315 -0.68 22.11 12.08
N LYS A 316 0.66 22.19 12.12
CA LYS A 316 1.46 22.47 10.90
C LYS A 316 1.40 21.24 9.98
N PHE A 317 1.53 20.03 10.52
CA PHE A 317 1.36 18.79 9.73
C PHE A 317 0.04 18.86 8.95
N GLU A 318 -1.04 19.31 9.59
CA GLU A 318 -2.39 19.32 8.97
C GLU A 318 -2.45 20.42 7.93
N GLU A 319 -1.94 21.59 8.26
CA GLU A 319 -1.94 22.75 7.35
C GLU A 319 -1.20 22.35 6.07
N LEU A 320 -0.09 21.63 6.19
CA LEU A 320 0.74 21.27 5.01
C LEU A 320 -0.01 20.33 4.06
N ASN A 321 -1.00 19.60 4.57
CA ASN A 321 -1.61 18.46 3.83
C ASN A 321 -3.13 18.62 3.71
N ASP A 322 -3.72 19.69 4.24
CA ASP A 322 -5.19 19.76 4.38
C ASP A 322 -5.84 19.60 2.98
N ASP A 323 -5.25 20.09 1.89
CA ASP A 323 -5.90 20.01 0.55
C ASP A 323 -5.89 18.53 0.10
N LEU A 324 -4.84 17.76 0.43
CA LEU A 324 -4.79 16.31 0.08
C LEU A 324 -5.78 15.54 0.93
N PHE A 325 -5.90 15.84 2.24
CA PHE A 325 -6.87 15.14 3.12
C PHE A 325 -8.27 15.34 2.52
N ARG A 326 -8.59 16.61 2.23
N ARG A 326 -8.60 16.59 2.19
CA ARG A 326 -9.90 17.07 1.66
CA ARG A 326 -9.94 16.96 1.69
C ARG A 326 -10.14 16.38 0.31
C ARG A 326 -10.16 16.38 0.29
N GLU A 327 -9.09 16.15 -0.48
CA GLU A 327 -9.20 15.55 -1.84
C GLU A 327 -9.80 14.15 -1.73
N THR A 328 -9.58 13.46 -0.60
CA THR A 328 -10.05 12.05 -0.41
C THR A 328 -11.57 12.02 -0.46
N LEU A 329 -12.25 13.14 -0.26
CA LEU A 329 -13.75 13.11 -0.24
C LEU A 329 -14.30 13.10 -1.68
N GLU A 330 -13.50 13.44 -2.68
CA GLU A 330 -13.97 13.53 -4.09
C GLU A 330 -14.31 12.10 -4.55
N PRO A 331 -13.44 11.09 -4.37
CA PRO A 331 -13.86 9.72 -4.66
C PRO A 331 -15.05 9.24 -3.81
N VAL A 332 -15.14 9.66 -2.54
CA VAL A 332 -16.30 9.29 -1.70
C VAL A 332 -17.57 9.77 -2.41
N LYS A 333 -17.65 11.04 -2.80
CA LYS A 333 -18.79 11.63 -3.54
C LYS A 333 -19.06 10.86 -4.84
N LYS A 334 -18.00 10.48 -5.57
CA LYS A 334 -18.15 9.76 -6.85
C LYS A 334 -18.83 8.40 -6.64
N VAL A 335 -18.42 7.61 -5.63
CA VAL A 335 -19.03 6.27 -5.42
C VAL A 335 -20.47 6.45 -4.95
N LEU A 336 -20.74 7.38 -4.03
CA LEU A 336 -22.14 7.64 -3.61
C LEU A 336 -22.97 7.95 -4.86
N ASP A 337 -22.43 8.76 -5.77
CA ASP A 337 -23.12 9.21 -7.00
C ASP A 337 -23.27 8.02 -7.98
N ASP A 338 -22.18 7.28 -8.24
CA ASP A 338 -22.17 6.10 -9.14
C ASP A 338 -23.22 5.07 -8.71
N ALA A 339 -23.49 4.92 -7.41
CA ALA A 339 -24.38 3.86 -6.88
C ALA A 339 -25.74 4.46 -6.56
N LYS A 340 -25.91 5.76 -6.85
CA LYS A 340 -27.14 6.55 -6.63
C LYS A 340 -27.55 6.40 -5.17
N TYR A 341 -26.55 6.41 -4.30
CA TYR A 341 -26.69 6.34 -2.82
C TYR A 341 -26.74 7.75 -2.23
N GLU A 342 -27.45 7.91 -1.12
CA GLU A 342 -27.37 9.09 -0.23
C GLU A 342 -26.46 8.71 0.93
N LYS A 343 -25.87 9.71 1.56
CA LYS A 343 -24.94 9.50 2.69
C LYS A 343 -25.58 8.52 3.66
N SER A 344 -26.89 8.64 3.85
CA SER A 344 -27.66 7.92 4.91
C SER A 344 -27.63 6.42 4.65
N LYS A 345 -27.68 5.99 3.36
CA LYS A 345 -27.77 4.56 2.95
C LYS A 345 -26.57 3.78 3.50
N ILE A 346 -25.46 4.47 3.84
CA ILE A 346 -24.23 3.80 4.34
C ILE A 346 -24.45 3.41 5.80
N ASP A 347 -24.37 2.11 6.11
CA ASP A 347 -24.59 1.56 7.48
C ASP A 347 -23.30 1.63 8.31
N GLU A 348 -22.15 1.41 7.73
CA GLU A 348 -20.88 1.44 8.50
C GLU A 348 -19.76 1.91 7.54
N ILE A 349 -18.88 2.75 8.07
CA ILE A 349 -17.65 3.23 7.37
C ILE A 349 -16.51 2.44 8.00
N VAL A 350 -15.78 1.72 7.18
CA VAL A 350 -14.60 0.95 7.62
C VAL A 350 -13.34 1.60 7.03
N LEU A 351 -12.29 1.76 7.84
CA LEU A 351 -11.03 2.40 7.43
C LEU A 351 -9.98 1.32 7.39
N VAL A 352 -9.19 1.37 6.33
CA VAL A 352 -8.07 0.43 6.02
C VAL A 352 -6.87 1.29 5.65
N GLY A 353 -5.68 0.82 5.98
CA GLY A 353 -4.42 1.52 5.72
C GLY A 353 -4.04 2.40 6.87
N GLY A 354 -2.75 2.38 7.19
CA GLY A 354 -2.16 3.09 8.34
C GLY A 354 -2.45 4.58 8.31
N SER A 355 -2.60 5.15 7.11
CA SER A 355 -2.82 6.60 6.95
C SER A 355 -4.15 7.00 7.59
N THR A 356 -5.03 6.05 7.84
CA THR A 356 -6.35 6.39 8.43
C THR A 356 -6.18 6.63 9.93
N ARG A 357 -5.00 6.43 10.50
CA ARG A 357 -4.74 6.77 11.93
C ARG A 357 -4.62 8.28 12.12
N ILE A 358 -4.42 9.04 11.04
CA ILE A 358 -4.28 10.51 11.12
C ILE A 358 -5.60 11.04 11.66
N PRO A 359 -5.65 11.70 12.83
CA PRO A 359 -6.92 12.16 13.40
C PRO A 359 -7.78 12.98 12.45
N LYS A 360 -7.15 13.92 11.73
CA LYS A 360 -7.82 14.82 10.78
C LYS A 360 -8.54 14.02 9.67
N ILE A 361 -7.99 12.89 9.25
CA ILE A 361 -8.64 12.04 8.22
C ILE A 361 -9.96 11.51 8.80
N GLN A 362 -9.90 10.88 9.97
CA GLN A 362 -11.06 10.33 10.71
C GLN A 362 -12.13 11.41 10.89
N GLN A 363 -11.71 12.60 11.26
CA GLN A 363 -12.55 13.79 11.51
C GLN A 363 -13.28 14.25 10.24
N ILE A 364 -12.52 14.38 9.16
CA ILE A 364 -13.09 14.83 7.86
C ILE A 364 -14.14 13.80 7.39
N ILE A 365 -13.87 12.52 7.54
CA ILE A 365 -14.84 11.47 7.04
C ILE A 365 -16.13 11.59 7.87
N LYS A 366 -16.01 11.58 9.20
CA LYS A 366 -17.12 11.77 10.18
C LYS A 366 -17.98 12.96 9.80
N GLU A 367 -17.39 14.11 9.56
CA GLU A 367 -18.18 15.33 9.29
C GLU A 367 -18.84 15.21 7.92
N PHE A 368 -18.20 14.56 6.94
CA PHE A 368 -18.82 14.36 5.61
C PHE A 368 -20.10 13.53 5.80
N PHE A 369 -20.02 12.51 6.66
CA PHE A 369 -21.12 11.56 6.93
C PHE A 369 -22.00 12.12 8.06
N ASN A 370 -22.19 13.44 8.03
CA ASN A 370 -23.14 14.28 8.80
C ASN A 370 -23.17 13.79 10.26
N GLY A 371 -22.01 13.39 10.79
CA GLY A 371 -21.79 13.12 12.22
C GLY A 371 -21.44 11.68 12.49
N LYS A 372 -21.58 10.81 11.51
CA LYS A 372 -21.48 9.34 11.74
C LYS A 372 -20.03 8.93 12.05
N GLU A 373 -19.84 8.05 13.03
CA GLU A 373 -18.49 7.57 13.42
C GLU A 373 -18.00 6.50 12.45
N PRO A 374 -16.71 6.49 12.03
CA PRO A 374 -16.10 5.37 11.33
C PRO A 374 -15.27 4.37 12.15
N ASN A 375 -15.10 3.13 11.65
CA ASN A 375 -14.46 2.01 12.40
C ASN A 375 -13.02 1.79 11.93
N ARG A 376 -12.01 1.89 12.80
CA ARG A 376 -10.61 1.70 12.35
C ARG A 376 -9.86 0.68 13.22
N GLY A 377 -10.06 -0.58 12.95
CA GLY A 377 -9.17 -1.58 13.57
C GLY A 377 -8.19 -0.87 14.47
N ILE A 378 -6.98 -1.39 14.56
CA ILE A 378 -5.90 -0.86 15.42
C ILE A 378 -4.61 -1.31 14.73
N ASN A 379 -4.69 -2.29 13.80
CA ASN A 379 -3.66 -2.65 12.78
C ASN A 379 -4.23 -2.51 11.37
N PRO A 380 -4.48 -1.28 10.88
CA PRO A 380 -5.23 -1.06 9.65
C PRO A 380 -4.43 -1.43 8.40
N ASP A 381 -3.13 -1.57 8.54
CA ASP A 381 -2.23 -2.07 7.45
C ASP A 381 -2.32 -3.59 7.34
N GLU A 382 -2.88 -4.29 8.33
CA GLU A 382 -2.89 -5.77 8.31
C GLU A 382 -4.31 -6.32 8.07
N ALA A 383 -5.34 -5.48 8.12
CA ALA A 383 -6.74 -5.91 7.99
C ALA A 383 -6.95 -6.71 6.70
N VAL A 384 -6.38 -6.28 5.58
CA VAL A 384 -6.63 -6.99 4.28
C VAL A 384 -5.99 -8.36 4.30
N ALA A 385 -4.76 -8.49 4.77
CA ALA A 385 -4.11 -9.82 4.85
C ALA A 385 -4.90 -10.68 5.86
N TYR A 386 -5.32 -10.08 6.97
CA TYR A 386 -6.12 -10.80 8.00
C TYR A 386 -7.35 -11.41 7.32
N GLY A 387 -8.08 -10.62 6.54
CA GLY A 387 -9.29 -11.05 5.78
C GLY A 387 -9.00 -12.14 4.78
N ALA A 388 -7.90 -12.05 4.04
CA ALA A 388 -7.43 -13.08 3.12
C ALA A 388 -7.18 -14.40 3.89
N ALA A 389 -6.58 -14.32 5.09
CA ALA A 389 -6.34 -15.50 5.96
C ALA A 389 -7.68 -16.11 6.38
N ILE A 390 -8.63 -15.27 6.76
CA ILE A 390 -9.97 -15.74 7.14
C ILE A 390 -10.59 -16.44 5.93
N GLN A 391 -10.50 -15.81 4.75
CA GLN A 391 -11.02 -16.45 3.49
C GLN A 391 -10.38 -17.82 3.28
N ALA A 392 -9.07 -17.95 3.47
CA ALA A 392 -8.37 -19.26 3.39
C ALA A 392 -9.05 -20.27 4.36
N GLY A 393 -9.30 -19.86 5.61
CA GLY A 393 -9.93 -20.75 6.61
C GLY A 393 -11.33 -21.11 6.19
N ILE A 394 -12.08 -20.15 5.64
CA ILE A 394 -13.47 -20.37 5.17
C ILE A 394 -13.42 -21.47 4.09
N ILE A 395 -12.48 -21.39 3.16
CA ILE A 395 -12.34 -22.32 2.01
C ILE A 395 -11.94 -23.70 2.52
N LEU A 396 -11.08 -23.79 3.53
CA LEU A 396 -10.68 -25.12 4.08
C LEU A 396 -11.84 -25.77 4.87
N GLY A 397 -12.80 -25.01 5.42
CA GLY A 397 -13.86 -25.57 6.30
C GLY A 397 -13.29 -26.18 7.59
#